data_4XXT
#
_entry.id   4XXT
#
_cell.length_a   60.790
_cell.length_b   60.790
_cell.length_c   125.551
_cell.angle_alpha   90.000
_cell.angle_beta   90.000
_cell.angle_gamma   120.000
#
_symmetry.space_group_name_H-M   'P 31 2 1'
#
loop_
_entity.id
_entity.type
_entity.pdbx_description
1 polymer 'Fusion of predicted Zn-dependent amidase/peptidase (Cell wall hydrolase/DD-carboxypeptidase family) and uncharacterized domain of ErfK family peptodoglycan-binding domain'
2 non-polymer 1,2-ETHANEDIOL
3 non-polymer 'ACETATE ION'
4 non-polymer IMIDAZOLE
5 water water
#
_entity_poly.entity_id   1
_entity_poly.type   'polypeptide(L)'
_entity_poly.pdbx_seq_one_letter_code
;SNALQDKSKNQVKSKNLTSSTKKKVKKAKEPPKPKVFKLGSSGSDVKSIQDKLNNYGYAITADGKFGPSTDWAVRDFQYK
HNIA(MSE)DGSVSDQT(MSE)NLLNQTPTDATRVNSVIQPDPNPDVQSLKAAAENLANSNDTPTYTKFFIITSLKEQRV
YVFNGDPHNWKLINTFQCTSGASDTPTITGRFYVQGKGLAFKTSNDVICKYYTQIQGNYLFHSILFDKNGNVVDGTLGAS
LSHGCIRLAVQNAKYIYDTLP(MSE)GTGIWIY
;
_entity_poly.pdbx_strand_id   A
#
loop_
_chem_comp.id
_chem_comp.type
_chem_comp.name
_chem_comp.formula
ACT non-polymer 'ACETATE ION' 'C2 H3 O2 -1'
EDO non-polymer 1,2-ETHANEDIOL 'C2 H6 O2'
IMD non-polymer IMIDAZOLE 'C3 H5 N2 1'
#
# COMPACT_ATOMS: atom_id res chain seq x y z
N LYS A 33 15.04 -16.21 -25.34
CA LYS A 33 13.79 -16.03 -24.54
C LYS A 33 12.94 -14.87 -25.08
N PRO A 34 11.64 -14.83 -24.71
CA PRO A 34 10.82 -13.62 -24.97
C PRO A 34 11.39 -12.37 -24.28
N LYS A 35 11.00 -11.21 -24.78
CA LYS A 35 11.52 -9.95 -24.24
C LYS A 35 11.01 -9.69 -22.83
N VAL A 36 11.86 -9.11 -22.00
CA VAL A 36 11.52 -8.79 -20.62
C VAL A 36 11.80 -7.33 -20.36
N PHE A 37 10.79 -6.63 -19.87
CA PHE A 37 10.91 -5.23 -19.49
C PHE A 37 10.93 -5.14 -17.97
N LYS A 38 11.87 -4.37 -17.44
N LYS A 38 11.89 -4.38 -17.45
CA LYS A 38 12.00 -4.23 -15.99
CA LYS A 38 12.10 -4.27 -16.01
C LYS A 38 12.66 -2.89 -15.68
C LYS A 38 12.66 -2.89 -15.68
N LEU A 39 12.88 -2.63 -14.40
CA LEU A 39 13.49 -1.38 -13.94
C LEU A 39 14.73 -1.06 -14.77
N GLY A 40 14.75 0.12 -15.38
CA GLY A 40 15.86 0.53 -16.23
C GLY A 40 15.58 0.43 -17.73
N SER A 41 14.57 -0.35 -18.12
CA SER A 41 14.15 -0.46 -19.51
C SER A 41 13.61 0.90 -19.98
N SER A 42 13.72 1.16 -21.27
CA SER A 42 13.14 2.36 -21.84
C SER A 42 12.71 2.14 -23.28
N GLY A 43 11.81 2.99 -23.77
CA GLY A 43 11.40 2.97 -25.17
C GLY A 43 9.89 2.96 -25.32
N SER A 44 9.44 2.84 -26.57
CA SER A 44 8.01 2.89 -26.86
C SER A 44 7.23 1.69 -26.30
N ASP A 45 7.86 0.52 -26.20
CA ASP A 45 7.18 -0.63 -25.57
C ASP A 45 6.93 -0.39 -24.08
N VAL A 46 7.89 0.25 -23.40
CA VAL A 46 7.73 0.64 -22.00
C VAL A 46 6.59 1.65 -21.88
N LYS A 47 6.57 2.64 -22.78
CA LYS A 47 5.51 3.62 -22.79
C LYS A 47 4.13 2.95 -22.89
N SER A 48 3.99 1.98 -23.77
N SER A 48 4.03 1.98 -23.79
CA SER A 48 2.71 1.27 -23.91
CA SER A 48 2.83 1.17 -23.97
C SER A 48 2.37 0.42 -22.67
C SER A 48 2.41 0.46 -22.68
N ILE A 49 3.38 -0.17 -22.04
CA ILE A 49 3.17 -0.83 -20.73
C ILE A 49 2.59 0.17 -19.73
N GLN A 50 3.18 1.36 -19.69
CA GLN A 50 2.73 2.41 -18.77
C GLN A 50 1.31 2.89 -19.09
N ASP A 51 0.99 3.02 -20.38
CA ASP A 51 -0.38 3.34 -20.78
C ASP A 51 -1.36 2.28 -20.32
N LYS A 52 -0.99 1.01 -20.44
CA LYS A 52 -1.86 -0.08 -19.96
C LYS A 52 -2.01 -0.06 -18.44
N LEU A 53 -0.93 0.19 -17.72
CA LEU A 53 -1.01 0.36 -16.27
C LEU A 53 -1.93 1.52 -15.90
N ASN A 54 -1.90 2.61 -16.67
CA ASN A 54 -2.84 3.71 -16.43
C ASN A 54 -4.29 3.32 -16.68
N ASN A 55 -4.51 2.49 -17.69
CA ASN A 55 -5.84 1.94 -17.95
C ASN A 55 -6.33 1.12 -16.74
N TYR A 56 -5.40 0.44 -16.07
CA TYR A 56 -5.69 -0.34 -14.86
C TYR A 56 -5.75 0.49 -13.58
N GLY A 57 -5.50 1.80 -13.70
CA GLY A 57 -5.77 2.75 -12.63
C GLY A 57 -4.56 3.19 -11.80
N TYR A 58 -3.35 2.90 -12.27
CA TYR A 58 -2.14 3.16 -11.47
C TYR A 58 -1.61 4.59 -11.47
N ALA A 59 -2.09 5.44 -12.37
CA ALA A 59 -1.79 6.88 -12.36
C ALA A 59 -0.29 7.17 -12.26
N ILE A 60 0.45 6.62 -13.21
CA ILE A 60 1.88 6.87 -13.32
C ILE A 60 2.17 7.70 -14.57
N THR A 61 3.39 8.20 -14.67
CA THR A 61 3.80 8.96 -15.83
C THR A 61 4.21 8.01 -16.94
N ALA A 62 3.55 8.13 -18.09
CA ALA A 62 3.89 7.30 -19.24
C ALA A 62 4.93 8.00 -20.09
N ASP A 63 6.18 7.93 -19.66
CA ASP A 63 7.28 8.62 -20.34
C ASP A 63 8.25 7.68 -21.07
N GLY A 64 7.97 6.38 -21.06
CA GLY A 64 8.83 5.40 -21.71
C GLY A 64 10.07 5.01 -20.91
N LYS A 65 10.15 5.40 -19.65
N LYS A 65 10.14 5.42 -19.65
CA LYS A 65 11.25 5.01 -18.77
CA LYS A 65 11.23 5.07 -18.74
C LYS A 65 10.71 4.20 -17.60
C LYS A 65 10.67 4.20 -17.61
N PHE A 66 11.13 2.95 -17.53
CA PHE A 66 10.65 1.99 -16.53
C PHE A 66 11.37 2.28 -15.20
N GLY A 67 10.81 3.21 -14.44
CA GLY A 67 11.36 3.60 -13.16
C GLY A 67 10.65 2.90 -12.00
N PRO A 68 10.98 3.30 -10.77
CA PRO A 68 10.38 2.66 -9.60
C PRO A 68 8.85 2.70 -9.60
N SER A 69 8.22 3.80 -10.05
CA SER A 69 6.76 3.84 -10.07
C SER A 69 6.17 2.78 -11.02
N THR A 70 6.87 2.46 -12.11
CA THR A 70 6.39 1.44 -13.02
C THR A 70 6.60 0.05 -12.40
N ASP A 71 7.77 -0.16 -11.82
CA ASP A 71 8.05 -1.38 -11.10
C ASP A 71 7.01 -1.69 -10.03
N TRP A 72 6.69 -0.71 -9.18
CA TRP A 72 5.71 -0.92 -8.12
C TRP A 72 4.32 -1.19 -8.68
N ALA A 73 3.93 -0.47 -9.73
CA ALA A 73 2.62 -0.70 -10.35
C ALA A 73 2.53 -2.11 -10.93
N VAL A 74 3.59 -2.56 -11.58
CA VAL A 74 3.63 -3.93 -12.12
C VAL A 74 3.49 -4.94 -10.98
N ARG A 75 4.20 -4.73 -9.87
CA ARG A 75 4.09 -5.66 -8.74
C ARG A 75 2.66 -5.72 -8.22
N ASP A 76 2.01 -4.57 -8.08
CA ASP A 76 0.63 -4.57 -7.62
C ASP A 76 -0.28 -5.31 -8.61
N PHE A 77 -0.08 -5.04 -9.89
CA PHE A 77 -0.84 -5.66 -10.95
C PHE A 77 -0.69 -7.18 -10.86
N GLN A 78 0.54 -7.63 -10.67
CA GLN A 78 0.80 -9.08 -10.59
C GLN A 78 0.09 -9.68 -9.36
N TYR A 79 0.19 -9.03 -8.22
CA TYR A 79 -0.52 -9.51 -7.03
C TYR A 79 -2.04 -9.61 -7.26
N LYS A 80 -2.63 -8.56 -7.85
CA LYS A 80 -4.08 -8.56 -8.10
C LYS A 80 -4.52 -9.63 -9.10
N HIS A 81 -3.61 -10.03 -9.98
CA HIS A 81 -3.89 -11.05 -10.97
C HIS A 81 -3.42 -12.45 -10.57
N ASN A 82 -2.97 -12.59 -9.33
N ASN A 82 -3.00 -12.59 -9.32
CA ASN A 82 -2.52 -13.89 -8.83
CA ASN A 82 -2.49 -13.87 -8.79
C ASN A 82 -1.44 -14.54 -9.68
C ASN A 82 -1.44 -14.53 -9.67
N ILE A 83 -0.50 -13.72 -10.14
CA ILE A 83 0.68 -14.23 -10.85
C ILE A 83 1.93 -13.76 -10.11
N ALA A 84 3.07 -14.38 -10.43
CA ALA A 84 4.31 -14.09 -9.69
C ALA A 84 4.63 -12.59 -9.63
N MSE A 85 4.86 -12.09 -8.42
CA MSE A 85 5.10 -10.66 -8.20
C MSE A 85 6.58 -10.41 -8.19
O MSE A 85 7.24 -10.51 -7.14
CB MSE A 85 4.45 -10.22 -6.89
CG MSE A 85 4.63 -8.73 -6.66
SE MSE A 85 3.69 -8.10 -5.05
CE MSE A 85 4.85 -8.93 -3.70
N ASP A 86 7.13 -10.13 -9.38
CA ASP A 86 8.57 -9.83 -9.52
C ASP A 86 8.87 -8.45 -10.10
N GLY A 87 7.84 -7.74 -10.56
CA GLY A 87 8.02 -6.40 -11.15
C GLY A 87 8.54 -6.37 -12.59
N SER A 88 8.65 -7.53 -13.23
CA SER A 88 9.10 -7.64 -14.62
C SER A 88 7.91 -7.94 -15.52
N VAL A 89 7.94 -7.38 -16.73
CA VAL A 89 6.89 -7.64 -17.71
C VAL A 89 7.43 -8.48 -18.87
N SER A 90 6.95 -9.71 -18.97
N SER A 90 6.94 -9.70 -18.98
CA SER A 90 7.16 -10.52 -20.16
CA SER A 90 7.17 -10.54 -20.15
C SER A 90 5.78 -10.93 -20.70
C SER A 90 5.79 -10.95 -20.69
N ASP A 91 5.72 -12.01 -21.48
CA ASP A 91 4.47 -12.40 -22.15
C ASP A 91 3.27 -12.58 -21.23
N GLN A 92 3.48 -13.23 -20.09
CA GLN A 92 2.39 -13.53 -19.19
C GLN A 92 1.71 -12.25 -18.66
N THR A 93 2.53 -11.33 -18.18
CA THR A 93 1.99 -10.07 -17.65
C THR A 93 1.44 -9.22 -18.80
N MSE A 94 2.14 -9.19 -19.92
CA MSE A 94 1.70 -8.40 -21.08
C MSE A 94 0.33 -8.83 -21.56
O MSE A 94 -0.52 -7.99 -21.86
CB MSE A 94 2.75 -8.43 -22.19
CG MSE A 94 2.39 -7.51 -23.35
SE MSE A 94 2.64 -5.63 -22.83
CE MSE A 94 4.57 -5.54 -23.19
N ASN A 95 0.12 -10.15 -21.62
N ASN A 95 0.10 -10.14 -21.63
CA ASN A 95 -1.17 -10.68 -22.03
CA ASN A 95 -1.20 -10.66 -22.06
C ASN A 95 -2.32 -10.19 -21.14
C ASN A 95 -2.34 -10.21 -21.14
N LEU A 96 -2.07 -10.13 -19.84
CA LEU A 96 -3.06 -9.66 -18.88
C LEU A 96 -3.26 -8.14 -18.97
N LEU A 97 -2.18 -7.42 -19.23
CA LEU A 97 -2.23 -5.96 -19.42
C LEU A 97 -3.08 -5.59 -20.63
N ASN A 98 -3.16 -6.49 -21.60
CA ASN A 98 -3.98 -6.26 -22.80
C ASN A 98 -5.45 -6.61 -22.64
N GLN A 99 -5.82 -7.27 -21.53
CA GLN A 99 -7.23 -7.51 -21.25
C GLN A 99 -7.88 -6.20 -20.80
N THR A 100 -9.18 -6.09 -21.04
CA THR A 100 -9.95 -4.96 -20.51
C THR A 100 -9.99 -5.05 -18.99
N PRO A 101 -9.75 -3.93 -18.27
CA PRO A 101 -9.92 -3.98 -16.82
C PRO A 101 -11.35 -4.28 -16.39
N THR A 102 -11.47 -4.89 -15.22
CA THR A 102 -12.76 -5.17 -14.58
C THR A 102 -12.71 -4.61 -13.16
N ASP A 103 -13.83 -4.67 -12.46
CA ASP A 103 -13.89 -4.27 -11.05
C ASP A 103 -12.92 -5.03 -10.18
N ALA A 104 -12.71 -6.31 -10.51
CA ALA A 104 -11.81 -7.15 -9.74
C ALA A 104 -10.35 -6.75 -9.89
N THR A 105 -9.99 -6.20 -11.04
CA THR A 105 -8.58 -5.94 -11.37
C THR A 105 -8.17 -4.45 -11.44
N ARG A 106 -9.13 -3.53 -11.48
CA ARG A 106 -8.81 -2.10 -11.64
C ARG A 106 -8.53 -1.45 -10.29
N VAL A 107 -7.54 -0.58 -10.26
CA VAL A 107 -7.22 0.20 -9.07
C VAL A 107 -7.91 1.56 -9.17
N ASN A 108 -8.48 2.02 -8.06
CA ASN A 108 -8.96 3.39 -7.95
C ASN A 108 -7.90 4.24 -7.25
N SER A 109 -7.27 5.15 -7.99
CA SER A 109 -6.24 6.02 -7.43
C SER A 109 -6.83 7.34 -6.91
N VAL A 110 -8.16 7.45 -6.98
CA VAL A 110 -8.92 8.44 -6.20
C VAL A 110 -9.93 7.65 -5.35
N ILE A 111 -9.91 7.92 -4.05
CA ILE A 111 -10.80 7.27 -3.09
C ILE A 111 -11.48 8.37 -2.27
N GLN A 112 -12.79 8.25 -2.08
CA GLN A 112 -13.52 9.22 -1.29
C GLN A 112 -13.33 8.93 0.20
N PRO A 113 -13.30 9.99 1.04
CA PRO A 113 -13.07 9.75 2.47
C PRO A 113 -14.13 8.86 3.11
N ASP A 114 -13.70 8.05 4.06
CA ASP A 114 -14.61 7.24 4.86
C ASP A 114 -15.53 8.16 5.67
N PRO A 115 -16.80 7.76 5.84
CA PRO A 115 -17.77 8.62 6.56
C PRO A 115 -17.63 8.63 8.09
N ASN A 116 -16.78 7.78 8.67
CA ASN A 116 -16.43 7.84 10.10
C ASN A 116 -16.25 9.29 10.55
N PRO A 117 -16.99 9.74 11.58
CA PRO A 117 -16.85 11.14 11.99
C PRO A 117 -15.45 11.56 12.43
N ASP A 118 -14.61 10.62 12.87
CA ASP A 118 -13.22 10.96 13.24
C ASP A 118 -12.40 11.48 12.04
N VAL A 119 -12.80 11.10 10.83
CA VAL A 119 -12.11 11.61 9.64
C VAL A 119 -12.25 13.14 9.56
N GLN A 120 -13.49 13.61 9.55
CA GLN A 120 -13.74 15.05 9.57
C GLN A 120 -13.12 15.74 10.78
N SER A 121 -13.20 15.13 11.95
CA SER A 121 -12.65 15.73 13.16
C SER A 121 -11.13 15.92 13.11
N LEU A 122 -10.43 14.95 12.51
CA LEU A 122 -8.98 14.98 12.48
C LEU A 122 -8.41 15.47 11.15
N LYS A 123 -9.29 15.75 10.19
CA LYS A 123 -8.91 16.11 8.82
C LYS A 123 -7.84 17.21 8.77
N ALA A 124 -8.12 18.35 9.39
CA ALA A 124 -7.21 19.50 9.27
C ALA A 124 -5.85 19.20 9.89
N ALA A 125 -5.85 18.58 11.07
CA ALA A 125 -4.60 18.33 11.77
C ALA A 125 -3.79 17.25 11.05
N ALA A 126 -4.46 16.20 10.60
CA ALA A 126 -3.79 15.10 9.89
C ALA A 126 -3.22 15.56 8.54
N GLU A 127 -4.00 16.32 7.79
CA GLU A 127 -3.53 16.88 6.51
C GLU A 127 -2.35 17.83 6.70
N ASN A 128 -2.40 18.66 7.74
N ASN A 128 -2.40 18.66 7.73
CA ASN A 128 -1.28 19.55 8.05
CA ASN A 128 -1.27 19.53 8.00
C ASN A 128 -0.01 18.75 8.37
C ASN A 128 -0.01 18.72 8.33
N LEU A 129 -0.18 17.68 9.13
CA LEU A 129 0.92 16.77 9.46
C LEU A 129 1.56 16.17 8.21
N ALA A 130 0.74 15.63 7.33
CA ALA A 130 1.24 14.98 6.12
C ALA A 130 1.85 16.01 5.18
N ASN A 131 1.17 17.13 4.96
CA ASN A 131 1.61 18.10 3.97
C ASN A 131 2.87 18.86 4.33
N SER A 132 3.18 18.93 5.63
CA SER A 132 4.33 19.68 6.11
C SER A 132 5.59 18.83 6.26
N ASN A 133 5.48 17.53 5.95
CA ASN A 133 6.57 16.60 6.12
C ASN A 133 6.90 15.88 4.83
N ASP A 134 8.06 15.23 4.79
N ASP A 134 8.04 15.20 4.83
CA ASP A 134 8.43 14.43 3.63
CA ASP A 134 8.49 14.35 3.73
C ASP A 134 7.59 13.16 3.63
C ASP A 134 7.56 13.13 3.65
N THR A 135 7.00 12.85 2.47
CA THR A 135 6.11 11.71 2.29
C THR A 135 6.45 10.97 0.99
N PRO A 136 7.61 10.29 0.95
CA PRO A 136 8.00 9.61 -0.27
C PRO A 136 7.05 8.46 -0.56
N THR A 137 6.57 8.40 -1.80
CA THR A 137 5.60 7.39 -2.19
C THR A 137 5.65 7.19 -3.69
N TYR A 138 5.27 5.99 -4.14
CA TYR A 138 5.17 5.69 -5.57
C TYR A 138 3.73 5.46 -6.03
N THR A 139 2.77 5.77 -5.17
CA THR A 139 1.37 5.65 -5.49
C THR A 139 0.68 6.97 -5.15
N LYS A 140 -0.63 7.02 -5.34
CA LYS A 140 -1.42 8.18 -4.92
C LYS A 140 -1.93 8.08 -3.50
N PHE A 141 -1.20 7.34 -2.66
CA PHE A 141 -1.57 7.14 -1.27
C PHE A 141 -0.37 7.27 -0.35
N PHE A 142 -0.67 7.42 0.93
CA PHE A 142 0.35 7.47 1.97
C PHE A 142 -0.31 7.05 3.27
N ILE A 143 0.47 6.43 4.16
CA ILE A 143 -0.06 6.01 5.45
C ILE A 143 0.92 6.35 6.55
N ILE A 144 0.40 7.04 7.58
CA ILE A 144 1.17 7.41 8.75
C ILE A 144 0.67 6.64 9.96
N THR A 145 1.58 6.09 10.74
CA THR A 145 1.23 5.55 12.05
C THR A 145 2.00 6.36 13.08
N SER A 146 1.24 7.01 13.95
CA SER A 146 1.83 7.74 15.06
C SER A 146 1.76 6.87 16.31
N LEU A 147 2.91 6.36 16.72
CA LEU A 147 2.98 5.43 17.84
C LEU A 147 2.57 6.06 19.17
N LYS A 148 2.90 7.33 19.38
CA LYS A 148 2.53 8.01 20.62
C LYS A 148 1.00 8.20 20.74
N GLU A 149 0.30 8.22 19.61
CA GLU A 149 -1.15 8.32 19.58
C GLU A 149 -1.85 6.97 19.43
N GLN A 150 -1.09 5.94 19.04
CA GLN A 150 -1.66 4.65 18.64
C GLN A 150 -2.80 4.88 17.63
N ARG A 151 -2.49 5.69 16.60
CA ARG A 151 -3.44 6.05 15.55
C ARG A 151 -2.80 5.95 14.16
N VAL A 152 -3.59 5.50 13.21
CA VAL A 152 -3.19 5.39 11.80
C VAL A 152 -3.96 6.43 11.00
N TYR A 153 -3.29 7.07 10.05
CA TYR A 153 -3.90 8.03 9.15
C TYR A 153 -3.61 7.60 7.72
N VAL A 154 -4.64 7.56 6.88
CA VAL A 154 -4.51 7.12 5.49
C VAL A 154 -4.90 8.28 4.59
N PHE A 155 -4.06 8.56 3.59
CA PHE A 155 -4.23 9.70 2.71
C PHE A 155 -4.26 9.31 1.23
N ASN A 156 -4.93 10.14 0.44
CA ASN A 156 -5.00 10.04 -1.02
C ASN A 156 -4.59 11.40 -1.58
N GLY A 157 -3.74 11.40 -2.60
CA GLY A 157 -3.30 12.62 -3.25
C GLY A 157 -1.87 12.53 -3.70
N ASP A 158 -1.09 13.59 -3.44
CA ASP A 158 0.31 13.64 -3.79
C ASP A 158 1.03 14.41 -2.69
N PRO A 159 2.37 14.29 -2.62
CA PRO A 159 3.13 15.03 -1.62
C PRO A 159 2.74 16.51 -1.55
N HIS A 160 2.50 16.96 -0.33
CA HIS A 160 2.12 18.34 0.00
C HIS A 160 0.68 18.69 -0.39
N ASN A 161 -0.05 17.69 -0.93
N ASN A 161 -0.05 17.70 -0.95
CA ASN A 161 -1.46 17.85 -1.28
CA ASN A 161 -1.46 17.87 -1.25
C ASN A 161 -2.21 16.57 -0.93
C ASN A 161 -2.22 16.59 -0.92
N TRP A 162 -2.11 16.19 0.34
CA TRP A 162 -2.76 14.99 0.84
C TRP A 162 -4.14 15.26 1.36
N LYS A 163 -5.06 14.35 1.08
N LYS A 163 -5.05 14.33 1.11
CA LYS A 163 -6.39 14.36 1.66
CA LYS A 163 -6.39 14.36 1.66
C LYS A 163 -6.56 13.15 2.58
C LYS A 163 -6.57 13.16 2.58
N LEU A 164 -7.05 13.39 3.80
CA LEU A 164 -7.31 12.32 4.74
C LEU A 164 -8.52 11.53 4.26
N ILE A 165 -8.34 10.23 4.01
CA ILE A 165 -9.47 9.36 3.61
C ILE A 165 -9.91 8.36 4.69
N ASN A 166 -9.04 8.07 5.66
CA ASN A 166 -9.43 7.25 6.79
C ASN A 166 -8.49 7.42 7.97
N THR A 167 -8.99 7.11 9.15
CA THR A 167 -8.18 7.10 10.36
C THR A 167 -8.82 6.14 11.35
N PHE A 168 -7.98 5.51 12.17
CA PHE A 168 -8.46 4.55 13.14
C PHE A 168 -7.35 4.22 14.13
N GLN A 169 -7.75 3.66 15.27
CA GLN A 169 -6.81 3.29 16.32
C GLN A 169 -6.03 2.05 15.92
N CYS A 170 -4.85 1.87 16.51
CA CYS A 170 -4.07 0.65 16.36
C CYS A 170 -3.50 0.20 17.71
N THR A 171 -2.89 -0.98 17.71
CA THR A 171 -2.07 -1.45 18.83
C THR A 171 -0.74 -1.91 18.26
N SER A 172 0.33 -1.18 18.59
CA SER A 172 1.65 -1.49 18.06
C SER A 172 2.38 -2.44 19.01
N GLY A 173 3.64 -2.74 18.71
CA GLY A 173 4.41 -3.70 19.49
C GLY A 173 4.70 -3.26 20.91
N ALA A 174 4.74 -4.23 21.82
CA ALA A 174 5.09 -3.99 23.23
C ALA A 174 6.54 -3.47 23.34
N SER A 175 6.90 -2.94 24.49
CA SER A 175 8.21 -2.29 24.64
C SER A 175 9.41 -3.22 24.46
N ASP A 176 9.24 -4.52 24.66
CA ASP A 176 10.33 -5.48 24.45
C ASP A 176 10.45 -5.94 22.99
N THR A 177 9.42 -5.67 22.20
CA THR A 177 9.45 -5.93 20.75
C THR A 177 8.75 -4.76 20.02
N PRO A 178 9.37 -3.57 20.07
CA PRO A 178 8.67 -2.40 19.53
C PRO A 178 8.53 -2.43 18.02
N THR A 179 7.51 -1.73 17.52
CA THR A 179 7.33 -1.57 16.09
C THR A 179 8.48 -0.71 15.56
N ILE A 180 8.99 -1.12 14.40
CA ILE A 180 10.03 -0.39 13.70
C ILE A 180 9.53 1.05 13.41
N THR A 181 10.42 2.03 13.51
CA THR A 181 10.11 3.38 13.06
C THR A 181 10.93 3.69 11.83
N GLY A 182 10.42 4.62 11.02
CA GLY A 182 11.13 5.04 9.83
C GLY A 182 10.19 5.20 8.67
N ARG A 183 10.76 5.24 7.47
N ARG A 183 10.76 5.20 7.47
CA ARG A 183 9.99 5.41 6.25
CA ARG A 183 10.03 5.40 6.24
C ARG A 183 10.17 4.18 5.36
C ARG A 183 10.18 4.17 5.35
N PHE A 184 9.05 3.69 4.83
CA PHE A 184 9.01 2.42 4.10
C PHE A 184 8.03 2.53 2.93
N TYR A 185 7.89 1.41 2.20
CA TYR A 185 6.88 1.30 1.15
C TYR A 185 6.12 -0.01 1.34
N VAL A 186 4.83 -0.02 1.01
CA VAL A 186 4.04 -1.26 1.07
C VAL A 186 4.71 -2.29 0.14
N GLN A 187 5.18 -3.40 0.75
CA GLN A 187 6.05 -4.41 0.10
C GLN A 187 5.28 -5.66 -0.36
N GLY A 188 4.22 -6.02 0.35
CA GLY A 188 3.56 -7.30 0.17
C GLY A 188 2.28 -7.35 0.98
N LYS A 189 1.50 -8.40 0.76
CA LYS A 189 0.17 -8.53 1.33
C LYS A 189 -0.27 -9.98 1.36
N GLY A 190 -1.30 -10.25 2.14
CA GLY A 190 -1.96 -11.55 2.12
C GLY A 190 -3.28 -11.54 2.88
N LEU A 191 -4.18 -12.44 2.50
CA LEU A 191 -5.50 -12.49 3.11
C LEU A 191 -5.44 -12.97 4.55
N ALA A 192 -4.44 -13.80 4.86
CA ALA A 192 -4.32 -14.37 6.20
C ALA A 192 -2.92 -14.94 6.47
N PHE A 193 -2.55 -15.02 7.75
CA PHE A 193 -1.28 -15.60 8.18
C PHE A 193 -1.46 -16.29 9.52
N ASP A 198 -0.71 -21.39 16.90
CA ASP A 198 -2.01 -21.83 16.38
C ASP A 198 -3.03 -20.69 16.24
N VAL A 199 -2.55 -19.46 16.04
CA VAL A 199 -3.43 -18.28 15.93
C VAL A 199 -3.31 -17.62 14.56
N ILE A 200 -4.41 -17.05 14.08
CA ILE A 200 -4.42 -16.41 12.77
C ILE A 200 -4.71 -14.91 12.84
N CYS A 201 -4.18 -14.18 11.87
CA CYS A 201 -4.55 -12.78 11.66
C CYS A 201 -4.96 -12.63 10.20
N LYS A 202 -5.81 -11.64 9.94
CA LYS A 202 -6.37 -11.43 8.62
C LYS A 202 -5.85 -10.14 7.99
N TYR A 203 -5.83 -10.11 6.66
CA TYR A 203 -5.55 -8.90 5.88
C TYR A 203 -4.26 -8.23 6.31
N TYR A 204 -3.14 -8.88 6.07
CA TYR A 204 -1.87 -8.25 6.41
C TYR A 204 -1.29 -7.46 5.23
N THR A 205 -0.61 -6.37 5.59
CA THR A 205 0.10 -5.54 4.64
C THR A 205 1.52 -5.37 5.18
N GLN A 206 2.49 -5.74 4.37
CA GLN A 206 3.88 -5.79 4.81
C GLN A 206 4.59 -4.45 4.73
N ILE A 207 5.15 -4.03 5.86
CA ILE A 207 5.95 -2.82 5.97
C ILE A 207 7.41 -3.10 5.61
N GLN A 208 7.98 -4.08 6.30
CA GLN A 208 9.36 -4.53 6.08
C GLN A 208 9.55 -5.85 6.83
N GLY A 209 10.02 -6.88 6.13
CA GLY A 209 10.28 -8.18 6.76
C GLY A 209 9.06 -8.70 7.52
N ASN A 210 9.20 -8.98 8.81
CA ASN A 210 8.07 -9.46 9.60
C ASN A 210 7.25 -8.37 10.25
N TYR A 211 7.57 -7.11 9.96
CA TYR A 211 6.76 -6.01 10.47
C TYR A 211 5.59 -5.80 9.51
N LEU A 212 4.38 -6.01 10.01
CA LEU A 212 3.18 -5.90 9.18
C LEU A 212 2.11 -5.07 9.88
N PHE A 213 1.20 -4.52 9.08
CA PHE A 213 -0.13 -4.15 9.55
C PHE A 213 -0.95 -5.44 9.44
N HIS A 214 -1.75 -5.78 10.45
CA HIS A 214 -2.73 -6.87 10.33
C HIS A 214 -3.89 -6.77 11.33
N SER A 215 -4.84 -7.70 11.21
CA SER A 215 -6.01 -7.67 12.07
C SER A 215 -5.65 -8.10 13.48
N ILE A 216 -6.57 -7.86 14.40
CA ILE A 216 -6.53 -8.51 15.71
C ILE A 216 -6.39 -10.03 15.52
N LEU A 217 -5.78 -10.70 16.48
CA LEU A 217 -5.51 -12.15 16.38
C LEU A 217 -6.75 -12.97 16.69
N PHE A 218 -6.88 -14.11 16.01
CA PHE A 218 -7.98 -15.04 16.21
C PHE A 218 -7.46 -16.45 16.50
N ASN A 223 -12.52 -16.62 17.69
CA ASN A 223 -12.16 -16.34 19.08
C ASN A 223 -10.97 -15.37 19.16
N VAL A 224 -11.23 -14.17 19.67
CA VAL A 224 -10.22 -13.10 19.71
C VAL A 224 -9.14 -13.37 20.77
N VAL A 225 -7.88 -13.15 20.40
CA VAL A 225 -6.75 -13.34 21.31
C VAL A 225 -6.06 -12.00 21.59
N ASP A 226 -6.22 -11.47 22.80
CA ASP A 226 -5.65 -10.18 23.18
C ASP A 226 -4.85 -10.29 24.50
N GLY A 227 -4.59 -9.18 25.17
CA GLY A 227 -3.86 -9.20 26.44
C GLY A 227 -2.36 -9.36 26.23
N THR A 228 -1.66 -9.77 27.30
CA THR A 228 -0.21 -9.95 27.26
C THR A 228 0.22 -11.07 26.30
N LEU A 229 -0.65 -12.06 26.11
CA LEU A 229 -0.41 -13.13 25.15
C LEU A 229 -0.49 -12.61 23.70
N GLY A 230 -1.50 -11.79 23.43
CA GLY A 230 -1.68 -11.17 22.11
C GLY A 230 -0.51 -10.31 21.66
N ALA A 231 0.08 -9.58 22.61
CA ALA A 231 1.25 -8.74 22.32
C ALA A 231 2.52 -9.57 22.09
N SER A 232 2.67 -10.67 22.84
CA SER A 232 3.82 -11.55 22.71
C SER A 232 3.87 -12.22 21.33
N LEU A 233 2.70 -12.66 20.86
CA LEU A 233 2.58 -13.34 19.57
C LEU A 233 2.65 -12.38 18.38
N SER A 234 2.23 -11.13 18.57
CA SER A 234 2.24 -10.13 17.50
C SER A 234 3.61 -9.50 17.28
N HIS A 235 4.49 -9.59 18.30
CA HIS A 235 5.83 -9.00 18.25
C HIS A 235 5.76 -7.51 17.84
N GLY A 236 6.49 -7.11 16.81
CA GLY A 236 6.52 -5.71 16.40
C GLY A 236 5.42 -5.24 15.45
N CYS A 237 4.42 -6.07 15.17
CA CYS A 237 3.37 -5.71 14.22
C CYS A 237 2.38 -4.67 14.74
N ILE A 238 1.63 -4.09 13.80
CA ILE A 238 0.59 -3.12 14.11
C ILE A 238 -0.78 -3.77 13.90
N ARG A 239 -1.50 -3.98 15.01
CA ARG A 239 -2.80 -4.64 14.99
C ARG A 239 -3.93 -3.66 14.82
N LEU A 240 -4.94 -4.08 14.06
CA LEU A 240 -6.07 -3.24 13.69
C LEU A 240 -7.36 -4.05 13.77
N ALA A 241 -8.47 -3.36 13.96
CA ALA A 241 -9.77 -4.01 13.77
C ALA A 241 -9.78 -4.62 12.38
N VAL A 242 -10.48 -5.75 12.22
CA VAL A 242 -10.46 -6.50 10.97
C VAL A 242 -10.82 -5.62 9.76
N GLN A 243 -11.86 -4.81 9.91
N GLN A 243 -11.86 -4.80 9.92
CA GLN A 243 -12.34 -3.93 8.85
CA GLN A 243 -12.34 -3.94 8.85
C GLN A 243 -11.27 -2.91 8.43
C GLN A 243 -11.31 -2.88 8.44
N ASN A 244 -10.46 -2.47 9.38
CA ASN A 244 -9.42 -1.48 9.09
C ASN A 244 -8.17 -2.08 8.47
N ALA A 245 -7.76 -3.27 8.92
CA ALA A 245 -6.71 -4.01 8.22
C ALA A 245 -7.15 -4.30 6.77
N LYS A 246 -8.41 -4.69 6.61
CA LYS A 246 -8.99 -4.94 5.29
C LYS A 246 -8.95 -3.67 4.44
N TYR A 247 -9.26 -2.53 5.05
CA TYR A 247 -9.22 -1.25 4.34
C TYR A 247 -7.84 -0.98 3.76
N ILE A 248 -6.80 -1.15 4.57
CA ILE A 248 -5.43 -0.94 4.10
C ILE A 248 -5.11 -1.91 2.95
N TYR A 249 -5.46 -3.18 3.17
CA TYR A 249 -5.26 -4.23 2.18
C TYR A 249 -5.95 -3.91 0.83
N ASP A 250 -7.18 -3.42 0.90
CA ASP A 250 -7.97 -3.13 -0.30
C ASP A 250 -7.62 -1.82 -0.99
N THR A 251 -7.05 -0.86 -0.26
CA THR A 251 -6.91 0.50 -0.77
C THR A 251 -5.51 0.88 -1.21
N LEU A 252 -4.48 0.41 -0.50
CA LEU A 252 -3.11 0.91 -0.74
C LEU A 252 -2.36 -0.01 -1.69
N PRO A 253 -2.01 0.48 -2.90
CA PRO A 253 -1.23 -0.35 -3.80
C PRO A 253 0.20 -0.55 -3.33
N MSE A 254 0.84 -1.62 -3.81
CA MSE A 254 2.26 -1.83 -3.57
C MSE A 254 2.99 -0.56 -3.92
O MSE A 254 2.71 0.07 -4.94
CB MSE A 254 2.86 -2.94 -4.40
CG MSE A 254 2.12 -4.27 -4.29
SE MSE A 254 2.04 -5.02 -2.47
CE MSE A 254 0.81 -6.50 -2.86
N GLY A 255 3.97 -0.19 -3.10
CA GLY A 255 4.74 1.02 -3.34
C GLY A 255 4.23 2.25 -2.62
N THR A 256 3.11 2.11 -1.92
CA THR A 256 2.56 3.21 -1.11
C THR A 256 3.53 3.53 0.04
N GLY A 257 3.86 4.80 0.19
CA GLY A 257 4.74 5.24 1.26
C GLY A 257 4.12 5.07 2.63
N ILE A 258 4.99 4.76 3.58
CA ILE A 258 4.62 4.50 4.97
C ILE A 258 5.58 5.29 5.86
N TRP A 259 5.04 5.98 6.86
CA TRP A 259 5.85 6.67 7.86
C TRP A 259 5.34 6.24 9.22
N ILE A 260 6.22 5.66 10.01
CA ILE A 260 5.95 5.24 11.39
C ILE A 260 6.93 5.98 12.30
N TYR A 261 6.40 6.68 13.30
CA TYR A 261 7.25 7.43 14.23
C TYR A 261 6.62 7.47 15.61
C1 EDO B . -1.13 15.12 14.53
O1 EDO B . -0.87 14.10 15.49
C2 EDO B . -2.28 14.70 13.62
O2 EDO B . -3.50 14.58 14.36
C1 EDO C . 12.75 11.84 10.79
O1 EDO C . 13.89 12.47 10.23
C2 EDO C . 11.61 12.85 10.89
O2 EDO C . 10.83 12.89 9.67
C1 EDO D . -1.14 2.51 -25.81
O1 EDO D . 0.25 2.82 -25.95
C2 EDO D . -1.59 1.67 -26.98
O2 EDO D . -0.62 0.63 -27.21
C ACT E . -5.07 -2.21 -4.77
O ACT E . -6.02 -1.46 -5.08
OXT ACT E . -4.47 -2.96 -5.59
CH3 ACT E . -4.71 -2.24 -3.33
N1 IMD F . -7.99 -1.13 18.14
C2 IMD F . -6.67 -1.26 18.33
N3 IMD F . -6.33 -2.56 18.18
C4 IMD F . -7.44 -3.25 17.88
C5 IMD F . -8.49 -2.36 17.86
N1 IMD G . -15.00 0.98 -13.98
C2 IMD G . -15.57 0.21 -14.93
N3 IMD G . -16.46 -0.62 -14.31
C4 IMD G . -16.45 -0.34 -13.01
C5 IMD G . -15.51 0.64 -12.80
#